data_7PUI
#
_entry.id   7PUI
#
_cell.length_a   50.401
_cell.length_b   69.078
_cell.length_c   117.835
_cell.angle_alpha   90.000
_cell.angle_beta   90.000
_cell.angle_gamma   90.000
#
_symmetry.space_group_name_H-M   'I 2 2 2'
#
loop_
_entity.id
_entity.type
_entity.pdbx_description
1 polymer 'Cholinephosphate cytidylyltransferase'
2 non-polymer 'pyridin-2-ylboronic acid'
3 water water
#
_entity_poly.entity_id   1
_entity_poly.type   'polypeptide(L)'
_entity_poly.pdbx_seq_one_letter_code
;GHMAVPDDDDDDDNSNDESEYESSQMDSEKNKGSIKNSKNVVIYADGVYDMLHLGHMKQLEQAKKLFENTTLIVGVTSDN
ETKLFKGQVVQTLEERTETLKHIRWVDEIISPCPWVVTPEFLEKYKIDYVAHDDIPYANNQKEDIYAWLKRAGKFKATQR
TEGVSTTDLIVRILKNYEDY
;
_entity_poly.pdbx_strand_id   A
#
# COMPACT_ATOMS: atom_id res chain seq x y z
N SER A 38 9.15 1.31 22.01
CA SER A 38 10.20 0.57 22.71
C SER A 38 10.87 -0.42 21.75
N LYS A 39 10.35 -1.66 21.75
CA LYS A 39 10.81 -2.72 20.88
C LYS A 39 10.44 -2.45 19.41
N ASN A 40 11.19 -3.05 18.49
CA ASN A 40 10.94 -2.84 17.07
C ASN A 40 9.78 -3.71 16.59
N VAL A 41 8.91 -3.10 15.79
CA VAL A 41 7.62 -3.70 15.42
C VAL A 41 7.56 -3.78 13.90
N VAL A 42 7.31 -4.97 13.38
CA VAL A 42 7.26 -5.13 11.92
C VAL A 42 5.84 -4.86 11.44
N ILE A 43 5.70 -3.89 10.54
CA ILE A 43 4.42 -3.52 9.96
C ILE A 43 4.42 -3.94 8.51
N TYR A 44 3.30 -4.49 8.05
CA TYR A 44 3.15 -4.90 6.66
C TYR A 44 1.98 -4.14 6.07
N ALA A 45 2.19 -3.47 4.94
CA ALA A 45 1.12 -2.88 4.14
C ALA A 45 1.27 -3.35 2.70
N ASP A 46 0.15 -3.54 2.01
CA ASP A 46 0.24 -4.00 0.64
C ASP A 46 -0.75 -3.25 -0.24
N GLY A 47 -0.53 -3.33 -1.54
CA GLY A 47 -1.39 -2.64 -2.48
C GLY A 47 -0.81 -2.66 -3.87
N VAL A 48 -1.52 -2.01 -4.79
CA VAL A 48 -1.06 -1.93 -6.17
C VAL A 48 0.00 -0.84 -6.32
N TYR A 49 -0.18 0.31 -5.69
CA TYR A 49 0.73 1.44 -5.82
C TYR A 49 0.95 1.80 -7.30
N ASP A 50 -0.14 1.74 -8.07
CA ASP A 50 -0.12 2.24 -9.44
C ASP A 50 -0.11 3.77 -9.41
N MET A 51 0.75 4.39 -10.23
CA MET A 51 0.85 5.85 -10.34
C MET A 51 0.88 6.51 -8.95
N LEU A 52 1.92 6.17 -8.16
CA LEU A 52 2.04 6.59 -6.76
C LEU A 52 1.80 8.10 -6.58
N HIS A 53 0.94 8.46 -5.62
CA HIS A 53 0.61 9.86 -5.37
C HIS A 53 0.64 10.14 -3.87
N LEU A 54 0.34 11.41 -3.53
CA LEU A 54 0.38 11.87 -2.15
C LEU A 54 -0.50 11.02 -1.25
N GLY A 55 -1.61 10.51 -1.79
CA GLY A 55 -2.49 9.67 -0.99
C GLY A 55 -1.83 8.36 -0.57
N HIS A 56 -1.11 7.71 -1.50
CA HIS A 56 -0.35 6.52 -1.14
C HIS A 56 0.71 6.87 -0.10
N MET A 57 1.47 7.94 -0.36
CA MET A 57 2.58 8.28 0.51
C MET A 57 2.10 8.61 1.91
N LYS A 58 0.93 9.23 2.03
CA LYS A 58 0.42 9.54 3.36
C LYS A 58 0.00 8.27 4.08
N GLN A 59 -0.57 7.29 3.35
CA GLN A 59 -0.90 5.99 3.95
C GLN A 59 0.34 5.31 4.47
N LEU A 60 1.37 5.24 3.64
CA LEU A 60 2.63 4.63 4.06
C LEU A 60 3.18 5.32 5.30
N GLU A 61 3.14 6.65 5.32
CA GLU A 61 3.65 7.36 6.48
C GLU A 61 2.88 6.97 7.72
N GLN A 62 1.57 6.78 7.57
CA GLN A 62 0.74 6.44 8.72
C GLN A 62 1.08 5.03 9.23
N ALA A 63 1.21 4.08 8.33
CA ALA A 63 1.64 2.75 8.73
C ALA A 63 3.00 2.79 9.41
N LYS A 64 3.96 3.53 8.81
CA LYS A 64 5.30 3.61 9.39
C LYS A 64 5.29 4.17 10.81
N LYS A 65 4.37 5.10 11.11
CA LYS A 65 4.37 5.76 12.42
C LYS A 65 3.37 5.17 13.42
N LEU A 66 2.81 4.00 13.15
CA LEU A 66 1.88 3.40 14.12
C LEU A 66 2.54 3.18 15.48
N PHE A 67 3.84 2.90 15.49
CA PHE A 67 4.57 2.72 16.73
C PHE A 67 5.86 3.51 16.68
N GLU A 68 6.51 3.62 17.83
CA GLU A 68 7.72 4.42 17.91
C GLU A 68 8.82 3.84 17.03
N ASN A 69 9.05 2.54 17.13
CA ASN A 69 10.10 1.90 16.36
C ASN A 69 9.48 0.82 15.50
N THR A 70 9.56 1.02 14.18
CA THR A 70 8.93 0.12 13.24
C THR A 70 9.88 -0.21 12.10
N THR A 71 9.61 -1.34 11.46
CA THR A 71 10.08 -1.67 10.13
C THR A 71 8.84 -1.81 9.28
N LEU A 72 8.70 -0.98 8.25
CA LEU A 72 7.55 -1.05 7.36
C LEU A 72 7.93 -1.87 6.13
N ILE A 73 7.27 -3.01 5.94
CA ILE A 73 7.39 -3.84 4.74
C ILE A 73 6.21 -3.53 3.85
N VAL A 74 6.48 -3.23 2.59
CA VAL A 74 5.42 -2.89 1.66
C VAL A 74 5.34 -3.99 0.61
N GLY A 75 4.16 -4.54 0.40
CA GLY A 75 3.94 -5.58 -0.58
C GLY A 75 3.29 -4.97 -1.81
N VAL A 76 3.85 -5.28 -2.98
CA VAL A 76 3.40 -4.74 -4.26
C VAL A 76 2.81 -5.88 -5.07
N THR A 77 1.56 -5.74 -5.51
CA THR A 77 0.86 -6.85 -6.16
C THR A 77 1.32 -7.02 -7.62
N SER A 78 1.33 -8.28 -8.07
CA SER A 78 1.78 -8.64 -9.40
C SER A 78 0.80 -8.15 -10.46
N ASP A 79 1.27 -8.10 -11.72
CA ASP A 79 0.42 -7.55 -12.78
C ASP A 79 -0.78 -8.45 -13.04
N ASN A 80 -0.55 -9.75 -13.19
CA ASN A 80 -1.63 -10.67 -13.55
C ASN A 80 -2.75 -10.63 -12.52
N GLU A 81 -2.40 -10.83 -11.25
CA GLU A 81 -3.42 -10.91 -10.23
C GLU A 81 -4.16 -9.58 -10.10
N THR A 82 -3.43 -8.46 -10.20
CA THR A 82 -4.09 -7.16 -10.16
C THR A 82 -5.16 -7.06 -11.24
N LYS A 83 -4.78 -7.35 -12.49
CA LYS A 83 -5.74 -7.26 -13.58
C LYS A 83 -6.88 -8.24 -13.41
N LEU A 84 -6.59 -9.43 -12.86
CA LEU A 84 -7.60 -10.48 -12.77
C LEU A 84 -8.63 -10.19 -11.68
N PHE A 85 -8.19 -9.59 -10.55
CA PHE A 85 -9.09 -9.38 -9.41
C PHE A 85 -9.53 -7.94 -9.19
N LYS A 86 -8.73 -6.95 -9.60
CA LYS A 86 -8.98 -5.53 -9.35
C LYS A 86 -9.37 -4.76 -10.59
N GLY A 87 -8.64 -4.94 -11.68
CA GLY A 87 -8.86 -4.25 -12.93
C GLY A 87 -7.57 -3.63 -13.41
N GLN A 88 -7.72 -2.63 -14.26
CA GLN A 88 -6.63 -2.13 -15.07
C GLN A 88 -5.50 -1.58 -14.21
N VAL A 89 -4.27 -1.83 -14.63
CA VAL A 89 -3.07 -1.33 -13.96
C VAL A 89 -2.15 -0.73 -15.01
N VAL A 90 -1.77 0.53 -14.82
CA VAL A 90 -1.01 1.27 -15.83
C VAL A 90 0.46 0.85 -15.82
N GLN A 91 1.09 0.89 -14.67
CA GLN A 91 2.51 0.62 -14.58
C GLN A 91 2.77 -0.84 -14.28
N THR A 92 3.86 -1.36 -14.83
CA THR A 92 4.26 -2.74 -14.59
C THR A 92 4.73 -2.91 -13.15
N LEU A 93 4.90 -4.17 -12.75
CA LEU A 93 5.40 -4.47 -11.41
C LEU A 93 6.73 -3.77 -11.16
N GLU A 94 7.63 -3.80 -12.14
CA GLU A 94 8.96 -3.22 -11.98
C GLU A 94 8.88 -1.73 -11.72
N GLU A 95 8.04 -1.01 -12.48
CA GLU A 95 7.92 0.43 -12.30
C GLU A 95 7.29 0.78 -10.95
N ARG A 96 6.20 0.10 -10.58
CA ARG A 96 5.52 0.40 -9.33
C ARG A 96 6.47 0.19 -8.17
N THR A 97 7.27 -0.86 -8.25
CA THR A 97 8.24 -1.15 -7.20
C THR A 97 9.36 -0.12 -7.18
N GLU A 98 9.90 0.24 -8.35
CA GLU A 98 11.05 1.14 -8.37
C GLU A 98 10.68 2.51 -7.83
N THR A 99 9.44 2.95 -8.05
CA THR A 99 8.98 4.21 -7.47
C THR A 99 8.92 4.13 -5.95
N LEU A 100 8.38 3.03 -5.41
CA LEU A 100 8.21 2.89 -3.97
C LEU A 100 9.54 2.95 -3.23
N LYS A 101 10.60 2.47 -3.87
CA LYS A 101 11.93 2.47 -3.27
C LYS A 101 12.40 3.88 -2.90
N HIS A 102 11.84 4.93 -3.51
CA HIS A 102 12.23 6.30 -3.20
C HIS A 102 11.43 6.93 -2.07
N ILE A 103 10.47 6.23 -1.48
CA ILE A 103 9.62 6.79 -0.43
C ILE A 103 10.31 6.56 0.90
N ARG A 104 10.40 7.61 1.72
CA ARG A 104 11.22 7.50 2.94
C ARG A 104 10.63 6.53 3.96
N TRP A 105 9.34 6.28 3.94
CA TRP A 105 8.75 5.45 4.98
C TRP A 105 8.97 3.97 4.74
N VAL A 106 9.40 3.61 3.53
CA VAL A 106 9.45 2.21 3.12
C VAL A 106 10.78 1.63 3.57
N ASP A 107 10.70 0.55 4.35
CA ASP A 107 11.94 -0.09 4.78
C ASP A 107 12.27 -1.36 3.99
N GLU A 108 11.26 -2.10 3.56
CA GLU A 108 11.49 -3.27 2.73
C GLU A 108 10.32 -3.40 1.78
N ILE A 109 10.58 -3.94 0.60
CA ILE A 109 9.54 -4.17 -0.39
C ILE A 109 9.52 -5.66 -0.68
N ILE A 110 8.33 -6.27 -0.68
CA ILE A 110 8.15 -7.61 -1.21
C ILE A 110 7.43 -7.48 -2.55
N SER A 111 8.14 -7.82 -3.63
CA SER A 111 7.67 -7.60 -5.00
C SER A 111 8.00 -8.80 -5.88
N PRO A 112 6.99 -9.56 -6.35
CA PRO A 112 5.57 -9.34 -6.05
C PRO A 112 5.21 -9.88 -4.68
N CYS A 113 4.16 -9.38 -4.07
CA CYS A 113 3.65 -9.97 -2.84
C CYS A 113 2.51 -10.91 -3.17
N PRO A 114 2.15 -11.79 -2.23
CA PRO A 114 0.93 -12.58 -2.43
C PRO A 114 -0.29 -11.67 -2.48
N TRP A 115 -1.26 -12.09 -3.28
CA TRP A 115 -2.54 -11.37 -3.36
C TRP A 115 -3.34 -11.49 -2.06
N VAL A 116 -3.29 -12.63 -1.36
CA VAL A 116 -3.94 -12.76 -0.07
C VAL A 116 -2.89 -13.00 1.01
N VAL A 117 -2.98 -12.22 2.08
CA VAL A 117 -2.16 -12.44 3.27
C VAL A 117 -2.68 -13.67 3.99
N THR A 118 -1.75 -14.56 4.40
CA THR A 118 -1.99 -15.77 5.15
C THR A 118 -1.28 -15.74 6.49
N PRO A 119 -1.75 -16.49 7.49
CA PRO A 119 -1.02 -16.53 8.77
C PRO A 119 0.42 -17.05 8.63
N GLU A 120 0.67 -17.91 7.64
CA GLU A 120 2.03 -18.38 7.40
C GLU A 120 2.89 -17.31 6.73
N PHE A 121 2.29 -16.44 5.90
CA PHE A 121 3.05 -15.32 5.36
C PHE A 121 3.52 -14.39 6.47
N LEU A 122 2.67 -14.15 7.47
CA LEU A 122 3.07 -13.29 8.59
C LEU A 122 4.18 -13.94 9.42
N GLU A 123 4.08 -15.25 9.62
CA GLU A 123 5.13 -15.97 10.34
C GLU A 123 6.44 -15.88 9.59
N LYS A 124 6.43 -16.17 8.29
CA LYS A 124 7.65 -16.16 7.49
C LYS A 124 8.42 -14.85 7.66
N TYR A 125 7.74 -13.70 7.56
CA TYR A 125 8.42 -12.40 7.62
C TYR A 125 8.29 -11.73 8.98
N LYS A 126 7.92 -12.49 10.02
CA LYS A 126 7.90 -11.99 11.37
C LYS A 126 7.13 -10.67 11.47
N ILE A 127 5.95 -10.65 10.86
CA ILE A 127 5.11 -9.46 10.81
C ILE A 127 4.23 -9.40 12.04
N ASP A 128 4.21 -8.24 12.71
CA ASP A 128 3.38 -8.04 13.88
C ASP A 128 2.03 -7.43 13.56
N TYR A 129 1.97 -6.49 12.62
CA TYR A 129 0.69 -5.89 12.25
C TYR A 129 0.57 -5.74 10.75
N VAL A 130 -0.65 -5.87 10.26
CA VAL A 130 -1.00 -5.55 8.91
C VAL A 130 -1.70 -4.20 8.94
N ALA A 131 -1.19 -3.24 8.15
CA ALA A 131 -1.76 -1.90 8.10
C ALA A 131 -2.56 -1.75 6.82
N HIS A 132 -3.83 -1.39 6.95
CA HIS A 132 -4.75 -1.41 5.83
C HIS A 132 -5.93 -0.53 6.23
N ASP A 133 -6.63 0.00 5.24
CA ASP A 133 -7.77 0.88 5.48
C ASP A 133 -9.09 0.11 5.41
N ASP A 134 -9.96 0.33 6.39
CA ASP A 134 -11.22 -0.43 6.44
C ASP A 134 -12.15 -0.06 5.28
N ASP A 144 -15.92 -10.14 5.82
CA ASP A 144 -14.70 -9.40 6.11
C ASP A 144 -13.46 -10.29 5.88
N ILE A 145 -12.62 -9.90 4.92
CA ILE A 145 -11.43 -10.68 4.62
C ILE A 145 -10.33 -10.48 5.66
N TYR A 146 -10.38 -9.39 6.44
CA TYR A 146 -9.42 -9.11 7.49
C TYR A 146 -9.93 -9.50 8.88
N ALA A 147 -11.09 -10.17 8.96
CA ALA A 147 -11.64 -10.57 10.26
C ALA A 147 -10.62 -11.38 11.07
N TRP A 148 -9.95 -12.34 10.42
CA TRP A 148 -8.95 -13.12 11.14
C TRP A 148 -7.79 -12.25 11.61
N LEU A 149 -7.41 -11.23 10.85
CA LEU A 149 -6.38 -10.31 11.32
C LEU A 149 -6.83 -9.59 12.58
N LYS A 150 -8.07 -9.14 12.61
CA LYS A 150 -8.55 -8.43 13.80
C LYS A 150 -8.64 -9.37 14.99
N ARG A 151 -9.11 -10.60 14.79
CA ARG A 151 -9.16 -11.61 15.85
C ARG A 151 -7.79 -11.82 16.48
N ALA A 152 -6.75 -11.81 15.65
CA ALA A 152 -5.43 -12.08 16.17
C ALA A 152 -4.76 -10.85 16.76
N GLY A 153 -5.46 -9.71 16.79
CA GLY A 153 -4.86 -8.48 17.27
C GLY A 153 -3.79 -7.91 16.35
N LYS A 154 -3.81 -8.29 15.07
CA LYS A 154 -2.78 -7.91 14.12
C LYS A 154 -3.25 -6.90 13.08
N PHE A 155 -4.39 -6.27 13.28
CA PHE A 155 -4.95 -5.34 12.32
C PHE A 155 -4.85 -3.91 12.81
N LYS A 156 -4.29 -3.02 11.98
CA LYS A 156 -4.21 -1.60 12.29
C LYS A 156 -4.76 -0.81 11.11
N ALA A 157 -5.75 0.04 11.37
CA ALA A 157 -6.37 0.82 10.32
C ALA A 157 -5.52 2.03 9.97
N THR A 158 -5.55 2.40 8.69
CA THR A 158 -5.02 3.66 8.18
C THR A 158 -6.09 4.27 7.26
N GLN A 159 -5.82 5.43 6.69
CA GLN A 159 -6.85 6.20 6.00
C GLN A 159 -6.46 6.54 4.56
N ARG A 160 -7.47 6.81 3.74
CA ARG A 160 -7.29 7.41 2.42
C ARG A 160 -7.28 8.92 2.53
N THR A 161 -6.73 9.57 1.51
CA THR A 161 -6.89 11.00 1.31
C THR A 161 -7.52 11.18 -0.06
N GLU A 162 -8.79 11.54 -0.11
CA GLU A 162 -9.42 11.70 -1.41
C GLU A 162 -8.88 12.94 -2.12
N GLY A 163 -8.96 12.92 -3.44
CA GLY A 163 -8.69 14.11 -4.23
C GLY A 163 -7.24 14.51 -4.37
N VAL A 164 -6.29 13.61 -4.09
CA VAL A 164 -4.87 13.92 -4.27
C VAL A 164 -4.25 13.09 -5.39
N SER A 165 -5.09 12.41 -6.18
CA SER A 165 -4.62 11.33 -7.04
C SER A 165 -4.03 11.87 -8.34
N THR A 166 -3.25 11.00 -8.99
CA THR A 166 -2.66 11.34 -10.28
C THR A 166 -3.73 11.63 -11.31
N THR A 167 -4.73 10.76 -11.41
CA THR A 167 -5.85 11.02 -12.30
C THR A 167 -6.51 12.35 -11.99
N ASP A 168 -6.63 12.71 -10.71
CA ASP A 168 -7.23 13.98 -10.32
C ASP A 168 -6.46 15.17 -10.91
N LEU A 169 -5.15 15.05 -11.05
CA LEU A 169 -4.35 16.17 -11.55
C LEU A 169 -4.58 16.39 -13.03
N ILE A 170 -4.78 15.32 -13.80
CA ILE A 170 -5.10 15.49 -15.22
C ILE A 170 -6.42 16.24 -15.37
N VAL A 171 -7.35 16.02 -14.44
CA VAL A 171 -8.61 16.75 -14.51
C VAL A 171 -8.39 18.24 -14.29
N ARG A 172 -7.50 18.59 -13.35
CA ARG A 172 -7.20 20.01 -13.13
C ARG A 172 -6.54 20.63 -14.36
N ILE A 173 -5.76 19.84 -15.11
CA ILE A 173 -5.14 20.34 -16.33
C ILE A 173 -6.21 20.69 -17.36
N LEU A 174 -7.20 19.81 -17.52
CA LEU A 174 -8.16 19.97 -18.59
C LEU A 174 -9.18 21.06 -18.33
N LYS A 175 -9.39 21.45 -17.07
CA LYS A 175 -10.32 22.53 -16.79
C LYS A 175 -9.86 23.85 -17.41
N ASN A 176 -8.55 24.01 -17.68
CA ASN A 176 -8.02 25.18 -18.36
C ASN A 176 -8.51 25.28 -19.81
N TYR A 177 -9.26 24.29 -20.25
CA TYR A 177 -9.74 24.21 -21.63
C TYR A 177 -11.26 24.11 -21.56
N GLU A 178 -11.89 25.28 -21.47
CA GLU A 178 -13.34 25.37 -21.34
C GLU A 178 -14.02 24.52 -22.40
N ASP A 179 -15.22 24.04 -22.06
CA ASP A 179 -16.01 23.28 -23.03
C ASP A 179 -16.27 24.09 -24.30
N TYR A 180 -16.36 25.41 -24.22
CA TYR A 180 -16.61 26.24 -25.42
C TYR A 180 -15.84 27.55 -25.37
#